data_3CGF
#
_entry.id   3CGF
#
_cell.length_a   52.170
_cell.length_b   71.370
_cell.length_c   107.570
_cell.angle_alpha   90.00
_cell.angle_beta   90.00
_cell.angle_gamma   90.00
#
_symmetry.space_group_name_H-M   'P 21 21 21'
#
loop_
_entity.id
_entity.type
_entity.pdbx_description
1 polymer 'Mitogen-activated protein kinase 10'
2 non-polymer N-cyclohexyl-4-imidazo[1,2-a]pyridin-3-yl-N-methylpyrimidin-2-amine
#
_entity_poly.entity_id   1
_entity_poly.type   'polypeptide(L)'
_entity_poly.pdbx_seq_one_letter_code
;MGSKSKVDNQFYSVEVGDSTFTVLKRYQNLKPIGSGAQGIVCAAYDAVLDRNVAIKKLSRPFQNQTHAKRAYRELVLMKC
VNHKNIISLLNVFTPQKTLEEFQDVYLVMELMDANLCQVIQMELDHERMSYLLYQMLCGIKHLHSAGIIHRDLKPSNIVV
KSDCTLKILDFGLARTAGTSFMMTPYVVTRYYRAPEVILGMGYKENVDIWSVGCIMGEMVRHKILFPGRDYIDQWNKVIE
QLGTPCPEFMKKLQPTVRNYVENRPKYAGLTFPKLFPDSLFPADSEHNKLKASQARDLLSKMLVIDPAKRISVDDALQHP
YINVWYDPAEVEAPPPQIYDKQLDEREHTIEEWKELIYKEVMNSE
;
_entity_poly.pdbx_strand_id   A
#
loop_
_chem_comp.id
_chem_comp.type
_chem_comp.name
_chem_comp.formula
JNF non-polymer N-cyclohexyl-4-imidazo[1,2-a]pyridin-3-yl-N-methylpyrimidin-2-amine 'C18 H21 N5'
#
# COMPACT_ATOMS: atom_id res chain seq x y z
N ASP A 8 40.34 3.82 2.19
CA ASP A 8 39.88 2.42 2.41
C ASP A 8 38.57 2.46 3.21
N ASN A 9 37.76 3.49 2.95
CA ASN A 9 36.47 3.63 3.63
C ASN A 9 35.48 2.65 3.01
N GLN A 10 34.68 2.02 3.85
CA GLN A 10 33.67 1.05 3.40
C GLN A 10 32.58 1.69 2.52
N PHE A 11 32.48 3.02 2.55
CA PHE A 11 31.45 3.73 1.78
C PHE A 11 32.02 4.74 0.80
N TYR A 12 31.13 5.50 0.17
CA TYR A 12 31.51 6.56 -0.77
C TYR A 12 30.26 7.38 -1.01
N SER A 13 30.43 8.52 -1.66
CA SER A 13 29.30 9.42 -1.89
C SER A 13 29.09 9.89 -3.32
N VAL A 14 27.82 10.05 -3.66
CA VAL A 14 27.40 10.52 -4.98
C VAL A 14 26.16 11.38 -4.84
N GLU A 15 26.06 12.42 -5.66
CA GLU A 15 24.92 13.31 -5.62
C GLU A 15 23.81 12.76 -6.51
N VAL A 16 22.66 12.45 -5.90
CA VAL A 16 21.52 11.95 -6.67
C VAL A 16 20.39 12.96 -6.61
N GLY A 17 20.23 13.72 -7.69
CA GLY A 17 19.17 14.72 -7.74
C GLY A 17 19.50 15.99 -6.98
N ASP A 18 19.45 15.92 -5.65
CA ASP A 18 19.76 17.08 -4.81
C ASP A 18 20.42 16.63 -3.52
N SER A 19 20.01 15.46 -3.03
CA SER A 19 20.55 14.90 -1.79
C SER A 19 21.80 14.07 -2.05
N THR A 20 22.54 13.78 -1.00
CA THR A 20 23.75 12.98 -1.14
C THR A 20 23.58 11.58 -0.61
N PHE A 21 23.75 10.59 -1.49
CA PHE A 21 23.63 9.19 -1.09
C PHE A 21 25.02 8.66 -0.71
N THR A 22 25.16 8.17 0.51
CA THR A 22 26.43 7.62 0.95
C THR A 22 26.19 6.15 1.19
N VAL A 23 26.62 5.34 0.24
CA VAL A 23 26.40 3.90 0.32
C VAL A 23 27.67 3.05 0.28
N LEU A 24 27.49 1.77 0.59
CA LEU A 24 28.58 0.81 0.60
C LEU A 24 29.12 0.64 -0.83
N LYS A 25 30.39 0.22 -0.91
CA LYS A 25 31.06 0.01 -2.19
C LYS A 25 30.37 -1.05 -3.05
N ARG A 26 29.85 -2.09 -2.42
CA ARG A 26 29.18 -3.16 -3.17
C ARG A 26 28.08 -2.63 -4.08
N TYR A 27 27.48 -1.51 -3.69
CA TYR A 27 26.40 -0.89 -4.47
C TYR A 27 26.96 0.19 -5.39
N GLN A 28 26.89 -0.08 -6.69
CA GLN A 28 27.43 0.83 -7.68
C GLN A 28 26.39 1.37 -8.63
N ASN A 29 26.78 2.44 -9.31
CA ASN A 29 25.95 3.13 -10.29
C ASN A 29 24.55 3.34 -9.77
N LEU A 30 24.37 4.37 -8.96
CA LEU A 30 23.05 4.64 -8.40
C LEU A 30 22.20 5.46 -9.36
N LYS A 31 20.93 5.12 -9.47
CA LYS A 31 20.01 5.83 -10.35
C LYS A 31 18.71 6.05 -9.59
N PRO A 32 18.30 7.32 -9.42
CA PRO A 32 17.07 7.73 -8.72
C PRO A 32 15.82 7.16 -9.39
N ILE A 33 15.23 6.14 -8.78
CA ILE A 33 14.04 5.55 -9.39
C ILE A 33 12.75 6.08 -8.82
N GLY A 34 12.84 6.90 -7.77
CA GLY A 34 11.63 7.43 -7.20
C GLY A 34 11.86 8.21 -5.95
N SER A 35 10.75 8.77 -5.43
CA SER A 35 10.77 9.56 -4.20
C SER A 35 9.43 9.53 -3.54
N GLY A 36 9.43 9.29 -2.23
CA GLY A 36 8.20 9.25 -1.47
C GLY A 36 8.15 10.39 -0.46
N ALA A 37 7.71 10.06 0.76
CA ALA A 37 7.59 11.03 1.83
C ALA A 37 8.69 10.85 2.88
N GLN A 38 9.18 9.61 3.02
CA GLN A 38 10.23 9.30 3.98
C GLN A 38 11.59 9.10 3.33
N GLY A 39 11.74 9.51 2.08
CA GLY A 39 13.04 9.37 1.44
C GLY A 39 13.06 9.22 -0.07
N ILE A 40 14.27 9.22 -0.63
CA ILE A 40 14.44 9.05 -2.07
C ILE A 40 14.91 7.63 -2.29
N VAL A 41 14.52 7.03 -3.40
CA VAL A 41 14.90 5.67 -3.71
C VAL A 41 15.69 5.53 -5.01
N CYS A 42 16.87 4.92 -4.92
CA CYS A 42 17.69 4.72 -6.09
C CYS A 42 17.84 3.26 -6.44
N ALA A 43 17.98 2.98 -7.73
CA ALA A 43 18.21 1.61 -8.14
C ALA A 43 19.72 1.53 -8.09
N ALA A 44 20.26 0.31 -8.08
CA ALA A 44 21.73 0.14 -8.07
C ALA A 44 22.12 -1.31 -8.30
N TYR A 45 23.40 -1.52 -8.55
CA TYR A 45 23.98 -2.85 -8.77
C TYR A 45 24.82 -3.26 -7.58
N ASP A 46 24.54 -4.46 -7.08
CA ASP A 46 25.26 -4.99 -5.95
C ASP A 46 26.27 -6.01 -6.43
N ALA A 47 27.50 -5.54 -6.59
CA ALA A 47 28.60 -6.38 -7.06
C ALA A 47 28.78 -7.66 -6.25
N VAL A 48 28.41 -7.65 -4.98
CA VAL A 48 28.54 -8.82 -4.12
C VAL A 48 27.50 -9.86 -4.51
N LEU A 49 26.22 -9.47 -4.53
CA LEU A 49 25.15 -10.39 -4.89
C LEU A 49 24.97 -10.50 -6.39
N ASP A 50 25.67 -9.67 -7.15
CA ASP A 50 25.57 -9.67 -8.61
C ASP A 50 24.12 -9.60 -9.05
N ARG A 51 23.49 -8.46 -8.79
CA ARG A 51 22.11 -8.21 -9.18
C ARG A 51 21.79 -6.76 -8.87
N ASN A 52 20.66 -6.30 -9.38
CA ASN A 52 20.25 -4.94 -9.14
C ASN A 52 19.38 -4.92 -7.93
N VAL A 53 19.39 -3.79 -7.24
CA VAL A 53 18.62 -3.61 -6.04
C VAL A 53 18.17 -2.17 -5.92
N ALA A 54 17.23 -1.96 -5.01
CA ALA A 54 16.70 -0.64 -4.76
C ALA A 54 17.15 -0.21 -3.38
N ILE A 55 17.71 1.00 -3.30
CA ILE A 55 18.14 1.56 -2.03
C ILE A 55 17.31 2.78 -1.67
N LYS A 56 16.78 2.77 -0.46
CA LYS A 56 15.98 3.89 0.05
C LYS A 56 16.74 4.57 1.19
N LYS A 57 16.89 5.88 1.11
CA LYS A 57 17.60 6.60 2.15
C LYS A 57 16.66 7.27 3.15
N LEU A 58 16.74 6.85 4.40
CA LEU A 58 15.91 7.43 5.44
C LEU A 58 16.73 8.50 6.12
N SER A 59 16.62 9.73 5.61
CA SER A 59 17.35 10.86 6.17
C SER A 59 16.76 11.31 7.50
N ARG A 60 17.56 11.23 8.57
CA ARG A 60 17.14 11.63 9.91
C ARG A 60 15.72 11.16 10.19
N PRO A 61 15.51 9.84 10.27
CA PRO A 61 14.21 9.23 10.55
C PRO A 61 13.66 9.54 11.93
N PHE A 62 14.53 9.97 12.82
CA PHE A 62 14.08 10.27 14.17
C PHE A 62 13.78 11.73 14.40
N GLN A 63 13.84 12.55 13.35
CA GLN A 63 13.59 13.98 13.47
C GLN A 63 12.23 14.29 14.08
N ASN A 64 11.28 13.37 13.94
CA ASN A 64 9.96 13.55 14.54
C ASN A 64 9.25 12.21 14.72
N GLN A 65 8.36 12.13 15.70
CA GLN A 65 7.64 10.89 15.97
C GLN A 65 6.93 10.29 14.77
N THR A 66 6.42 11.13 13.88
CA THR A 66 5.72 10.61 12.73
C THR A 66 6.70 9.78 11.92
N HIS A 67 7.86 10.37 11.63
CA HIS A 67 8.89 9.71 10.86
C HIS A 67 9.59 8.60 11.61
N ALA A 68 9.82 8.81 12.89
CA ALA A 68 10.48 7.83 13.74
C ALA A 68 9.65 6.58 13.89
N LYS A 69 8.39 6.77 14.27
CA LYS A 69 7.45 5.67 14.47
C LYS A 69 7.35 4.84 13.20
N ARG A 70 7.17 5.52 12.07
CA ARG A 70 7.09 4.92 10.72
C ARG A 70 8.37 4.13 10.43
N ALA A 71 9.51 4.78 10.59
CA ALA A 71 10.78 4.13 10.32
C ALA A 71 11.00 2.91 11.18
N TYR A 72 11.04 3.09 12.49
CA TYR A 72 11.23 1.98 13.41
C TYR A 72 10.34 0.81 13.04
N ARG A 73 9.04 1.08 12.91
CA ARG A 73 8.04 0.07 12.56
C ARG A 73 8.36 -0.67 11.27
N GLU A 74 8.65 0.07 10.23
CA GLU A 74 8.96 -0.53 8.95
C GLU A 74 10.22 -1.36 9.04
N LEU A 75 11.22 -0.84 9.73
CA LEU A 75 12.49 -1.53 9.88
C LEU A 75 12.32 -2.86 10.57
N VAL A 76 11.51 -2.87 11.62
CA VAL A 76 11.24 -4.08 12.39
C VAL A 76 10.46 -5.09 11.56
N LEU A 77 9.24 -4.74 11.18
CA LEU A 77 8.39 -5.64 10.41
C LEU A 77 8.99 -6.12 9.09
N MET A 78 9.84 -5.31 8.47
CA MET A 78 10.40 -5.73 7.20
C MET A 78 11.46 -6.81 7.39
N LYS A 79 11.88 -7.00 8.63
CA LYS A 79 12.89 -8.01 8.96
C LYS A 79 12.29 -9.29 9.51
N CYS A 80 11.13 -9.20 10.13
CA CYS A 80 10.51 -10.38 10.69
C CYS A 80 9.54 -11.05 9.73
N VAL A 81 8.76 -10.26 9.00
CA VAL A 81 7.78 -10.80 8.04
C VAL A 81 8.44 -11.39 6.80
N ASN A 82 7.94 -12.51 6.33
CA ASN A 82 8.53 -13.15 5.16
C ASN A 82 7.44 -13.70 4.24
N HIS A 83 7.15 -12.97 3.18
CA HIS A 83 6.13 -13.42 2.25
C HIS A 83 6.60 -13.13 0.86
N LYS A 84 5.99 -13.79 -0.11
CA LYS A 84 6.33 -13.62 -1.51
C LYS A 84 5.71 -12.35 -2.09
N ASN A 85 4.63 -11.87 -1.48
CA ASN A 85 4.00 -10.67 -2.00
C ASN A 85 4.23 -9.44 -1.15
N ILE A 86 5.33 -9.47 -0.41
CA ILE A 86 5.73 -8.35 0.45
C ILE A 86 7.22 -8.09 0.27
N ILE A 87 7.55 -7.03 -0.46
CA ILE A 87 8.93 -6.61 -0.74
C ILE A 87 9.90 -7.16 0.30
N SER A 88 10.96 -7.78 -0.22
CA SER A 88 12.01 -8.40 0.60
C SER A 88 13.14 -7.42 0.95
N LEU A 89 13.53 -7.42 2.22
CA LEU A 89 14.63 -6.58 2.71
C LEU A 89 15.96 -7.33 2.58
N LEU A 90 16.85 -6.81 1.72
CA LEU A 90 18.15 -7.45 1.50
C LEU A 90 19.20 -7.07 2.51
N ASN A 91 19.37 -5.76 2.72
CA ASN A 91 20.38 -5.31 3.64
C ASN A 91 20.02 -3.95 4.22
N VAL A 92 20.46 -3.68 5.43
CA VAL A 92 20.21 -2.40 6.09
C VAL A 92 21.54 -1.85 6.59
N PHE A 93 21.76 -0.56 6.42
CA PHE A 93 23.02 0.01 6.89
C PHE A 93 23.00 1.51 7.15
N THR A 94 24.09 1.98 7.76
CA THR A 94 24.26 3.40 8.08
C THR A 94 25.74 3.81 8.02
N PRO A 95 26.06 4.78 7.15
CA PRO A 95 27.43 5.26 6.99
C PRO A 95 28.08 5.81 8.27
N GLN A 96 27.27 6.16 9.25
CA GLN A 96 27.78 6.70 10.50
C GLN A 96 28.29 5.58 11.39
N LYS A 97 29.36 5.88 12.12
CA LYS A 97 30.03 4.92 12.99
C LYS A 97 29.50 4.78 14.41
N THR A 98 28.95 5.87 14.96
CA THR A 98 28.43 5.84 16.34
C THR A 98 27.04 6.43 16.53
N LEU A 99 26.50 6.24 17.72
CA LEU A 99 25.18 6.75 18.03
C LEU A 99 25.14 8.27 18.05
N GLU A 100 26.29 8.90 18.29
CA GLU A 100 26.32 10.36 18.32
C GLU A 100 26.37 10.94 16.91
N GLU A 101 27.05 10.27 16.01
CA GLU A 101 27.15 10.75 14.64
C GLU A 101 25.97 10.32 13.79
N PHE A 102 25.29 9.28 14.26
CA PHE A 102 24.14 8.71 13.57
C PHE A 102 23.18 9.73 12.95
N GLN A 103 22.88 9.52 11.67
CA GLN A 103 22.00 10.43 10.95
C GLN A 103 21.03 9.84 9.95
N ASP A 104 21.49 8.89 9.14
CA ASP A 104 20.62 8.31 8.13
C ASP A 104 20.61 6.78 8.21
N VAL A 105 19.61 6.19 7.57
CA VAL A 105 19.43 4.73 7.54
C VAL A 105 19.12 4.32 6.10
N TYR A 106 19.94 3.43 5.55
CA TYR A 106 19.75 3.00 4.17
C TYR A 106 19.11 1.62 4.09
N LEU A 107 17.94 1.56 3.45
CA LEU A 107 17.25 0.29 3.30
C LEU A 107 17.49 -0.18 1.88
N VAL A 108 18.13 -1.33 1.77
CA VAL A 108 18.44 -1.94 0.49
C VAL A 108 17.50 -3.11 0.33
N MET A 109 16.77 -3.13 -0.78
CA MET A 109 15.81 -4.19 -1.06
C MET A 109 15.95 -4.64 -2.49
N GLU A 110 15.13 -5.62 -2.85
CA GLU A 110 15.12 -6.14 -4.21
C GLU A 110 14.49 -5.09 -5.10
N LEU A 111 14.98 -4.99 -6.32
CA LEU A 111 14.50 -4.00 -7.27
C LEU A 111 13.39 -4.46 -8.21
N MET A 112 12.22 -3.84 -8.10
CA MET A 112 11.14 -4.21 -8.99
C MET A 112 11.29 -3.40 -10.27
N ASP A 113 10.37 -3.56 -11.21
CA ASP A 113 10.50 -2.82 -12.46
C ASP A 113 9.69 -1.54 -12.54
N ALA A 114 8.56 -1.51 -11.85
CA ALA A 114 7.68 -0.36 -11.92
C ALA A 114 6.70 -0.20 -10.78
N ASN A 115 5.99 0.92 -10.84
CA ASN A 115 4.99 1.30 -9.87
C ASN A 115 3.63 0.81 -10.33
N LEU A 116 2.68 0.64 -9.41
CA LEU A 116 1.34 0.21 -9.82
C LEU A 116 0.65 1.38 -10.53
N CYS A 117 1.04 2.61 -10.20
CA CYS A 117 0.44 3.78 -10.83
C CYS A 117 0.68 3.72 -12.34
N GLN A 118 1.82 3.12 -12.73
CA GLN A 118 2.22 2.97 -14.13
C GLN A 118 1.44 1.86 -14.81
N VAL A 119 1.17 0.79 -14.06
CA VAL A 119 0.43 -0.34 -14.57
C VAL A 119 -1.00 0.10 -14.81
N ILE A 120 -1.53 0.91 -13.90
CA ILE A 120 -2.90 1.40 -14.02
C ILE A 120 -3.09 2.23 -15.28
N GLN A 121 -2.07 2.98 -15.68
CA GLN A 121 -2.18 3.79 -16.89
C GLN A 121 -2.22 2.95 -18.17
N MET A 122 -2.50 1.66 -18.06
CA MET A 122 -2.56 0.84 -19.27
C MET A 122 -3.68 -0.20 -19.23
N GLU A 123 -4.09 -0.65 -20.40
CA GLU A 123 -5.14 -1.66 -20.50
C GLU A 123 -4.52 -3.00 -20.18
N LEU A 124 -5.17 -3.75 -19.31
CA LEU A 124 -4.68 -5.07 -18.91
C LEU A 124 -5.70 -6.16 -19.25
N ASP A 125 -5.23 -7.33 -19.66
CA ASP A 125 -6.13 -8.42 -19.96
C ASP A 125 -6.59 -9.01 -18.62
N HIS A 126 -7.71 -9.71 -18.64
CA HIS A 126 -8.25 -10.34 -17.44
C HIS A 126 -7.24 -11.24 -16.72
N GLU A 127 -6.35 -11.84 -17.49
CA GLU A 127 -5.34 -12.72 -16.92
C GLU A 127 -4.41 -11.99 -15.95
N ARG A 128 -3.81 -10.91 -16.44
CA ARG A 128 -2.88 -10.08 -15.66
C ARG A 128 -3.54 -9.28 -14.53
N MET A 129 -4.73 -8.74 -14.81
CA MET A 129 -5.49 -7.96 -13.85
C MET A 129 -5.91 -8.82 -12.67
N SER A 130 -6.30 -10.05 -12.95
CA SER A 130 -6.71 -10.96 -11.89
C SER A 130 -5.51 -11.48 -11.10
N TYR A 131 -4.41 -11.74 -11.80
CA TYR A 131 -3.23 -12.25 -11.14
C TYR A 131 -2.65 -11.21 -10.18
N LEU A 132 -2.70 -9.95 -10.59
CA LEU A 132 -2.20 -8.87 -9.76
C LEU A 132 -3.06 -8.78 -8.51
N LEU A 133 -4.38 -8.73 -8.69
CA LEU A 133 -5.30 -8.65 -7.56
C LEU A 133 -5.15 -9.85 -6.63
N TYR A 134 -4.79 -10.99 -7.20
CA TYR A 134 -4.60 -12.19 -6.39
C TYR A 134 -3.41 -12.01 -5.46
N GLN A 135 -2.32 -11.47 -5.99
CA GLN A 135 -1.11 -11.24 -5.19
C GLN A 135 -1.38 -10.16 -4.16
N MET A 136 -2.14 -9.15 -4.54
CA MET A 136 -2.45 -8.08 -3.59
C MET A 136 -3.15 -8.65 -2.38
N LEU A 137 -4.07 -9.57 -2.63
CA LEU A 137 -4.84 -10.24 -1.58
C LEU A 137 -4.03 -11.32 -0.88
N CYS A 138 -3.18 -12.01 -1.63
CA CYS A 138 -2.35 -13.08 -1.06
C CYS A 138 -1.51 -12.47 0.07
N GLY A 139 -0.90 -11.31 -0.21
CA GLY A 139 -0.07 -10.60 0.75
C GLY A 139 -0.87 -10.02 1.91
N ILE A 140 -1.92 -9.27 1.60
CA ILE A 140 -2.78 -8.69 2.63
C ILE A 140 -3.24 -9.82 3.56
N LYS A 141 -3.32 -11.03 3.00
CA LYS A 141 -3.71 -12.23 3.75
C LYS A 141 -2.68 -12.49 4.84
N HIS A 142 -1.42 -12.50 4.44
CA HIS A 142 -0.28 -12.73 5.34
C HIS A 142 -0.17 -11.61 6.36
N LEU A 143 -0.23 -10.37 5.89
CA LEU A 143 -0.15 -9.23 6.76
C LEU A 143 -1.22 -9.34 7.86
N HIS A 144 -2.42 -9.78 7.49
CA HIS A 144 -3.50 -9.93 8.48
C HIS A 144 -3.20 -11.04 9.47
N SER A 145 -2.68 -12.15 8.97
CA SER A 145 -2.34 -13.30 9.81
C SER A 145 -1.18 -12.95 10.72
N ALA A 146 -0.44 -11.91 10.35
CA ALA A 146 0.67 -11.48 11.17
C ALA A 146 0.18 -10.40 12.12
N GLY A 147 -1.13 -10.22 12.23
CA GLY A 147 -1.66 -9.21 13.13
C GLY A 147 -1.51 -7.80 12.61
N ILE A 148 -1.22 -7.68 11.32
CA ILE A 148 -1.06 -6.38 10.71
C ILE A 148 -2.24 -6.07 9.80
N ILE A 149 -2.73 -4.83 9.86
CA ILE A 149 -3.85 -4.38 9.02
C ILE A 149 -3.43 -3.05 8.41
N HIS A 150 -2.99 -3.11 7.17
CA HIS A 150 -2.49 -1.93 6.45
C HIS A 150 -3.31 -0.67 6.62
N ARG A 151 -4.52 -0.67 6.04
CA ARG A 151 -5.44 0.46 6.11
C ARG A 151 -5.00 1.63 5.27
N ASP A 152 -3.92 1.47 4.51
CA ASP A 152 -3.48 2.56 3.67
C ASP A 152 -2.80 2.08 2.40
N LEU A 153 -3.41 1.09 1.75
CA LEU A 153 -2.86 0.56 0.51
C LEU A 153 -3.19 1.49 -0.66
N LYS A 154 -2.20 1.78 -1.49
CA LYS A 154 -2.38 2.63 -2.64
C LYS A 154 -1.41 2.22 -3.74
N PRO A 155 -1.76 2.52 -4.99
CA PRO A 155 -0.93 2.17 -6.16
C PRO A 155 0.58 2.40 -5.97
N SER A 156 0.97 3.57 -5.48
CA SER A 156 2.37 3.88 -5.25
C SER A 156 3.05 2.90 -4.29
N ASN A 157 2.44 2.59 -3.15
CA ASN A 157 3.06 1.65 -2.22
C ASN A 157 3.08 0.20 -2.69
N ILE A 158 2.59 -0.06 -3.88
CA ILE A 158 2.61 -1.40 -4.42
C ILE A 158 3.49 -1.41 -5.66
N VAL A 159 4.39 -2.38 -5.74
CA VAL A 159 5.32 -2.46 -6.89
C VAL A 159 5.27 -3.79 -7.63
N VAL A 160 5.52 -3.76 -8.93
CA VAL A 160 5.49 -4.99 -9.73
C VAL A 160 6.69 -5.17 -10.69
N LYS A 161 6.92 -6.41 -11.10
CA LYS A 161 8.00 -6.71 -12.03
C LYS A 161 7.40 -6.85 -13.42
N SER A 162 8.24 -7.19 -14.40
CA SER A 162 7.76 -7.35 -15.76
C SER A 162 7.02 -8.66 -15.91
N ASP A 163 7.49 -9.69 -15.21
CA ASP A 163 6.88 -11.01 -15.26
C ASP A 163 5.54 -10.90 -14.58
N CYS A 164 5.21 -9.68 -14.18
CA CYS A 164 3.95 -9.38 -13.55
C CYS A 164 3.86 -9.76 -12.07
N THR A 165 4.95 -10.20 -11.47
CA THR A 165 4.89 -10.54 -10.04
C THR A 165 4.64 -9.24 -9.27
N LEU A 166 3.84 -9.32 -8.22
CA LEU A 166 3.51 -8.15 -7.41
C LEU A 166 3.95 -8.25 -5.94
N LYS A 167 4.40 -7.12 -5.39
CA LYS A 167 4.83 -7.04 -4.01
C LYS A 167 4.40 -5.73 -3.34
N ILE A 168 4.16 -5.78 -2.03
CA ILE A 168 3.74 -4.60 -1.30
C ILE A 168 4.94 -4.00 -0.61
N LEU A 169 5.01 -2.68 -0.52
CA LEU A 169 6.16 -2.02 0.10
C LEU A 169 6.11 -1.75 1.60
N ASP A 170 5.05 -1.10 2.08
CA ASP A 170 4.95 -0.77 3.51
C ASP A 170 3.94 -1.60 4.27
N PHE A 171 3.79 -1.34 5.56
CA PHE A 171 2.84 -2.10 6.36
C PHE A 171 1.73 -1.25 6.93
N GLY A 172 1.51 -0.10 6.31
CA GLY A 172 0.43 0.78 6.75
C GLY A 172 0.61 1.60 8.02
N LEU A 173 -0.51 2.09 8.54
CA LEU A 173 -0.49 2.92 9.73
C LEU A 173 -0.25 2.12 11.01
N ALA A 174 -0.62 2.70 12.14
CA ALA A 174 -0.44 2.06 13.43
C ALA A 174 -1.67 2.29 14.30
N SER A 180 -0.56 13.33 14.45
CA SER A 180 0.29 12.93 13.34
C SER A 180 0.65 14.13 12.46
N PHE A 181 1.21 15.18 13.09
CA PHE A 181 1.58 16.38 12.35
C PHE A 181 2.75 16.16 11.42
N MET A 182 2.66 16.76 10.24
CA MET A 182 3.73 16.66 9.25
C MET A 182 4.01 18.01 8.59
N MET A 183 4.93 18.77 9.18
CA MET A 183 5.28 20.07 8.62
C MET A 183 6.17 19.88 7.39
N THR A 184 5.55 19.44 6.30
CA THR A 184 6.24 19.18 5.04
C THR A 184 5.60 19.86 3.83
N PRO A 185 6.31 19.86 2.70
CA PRO A 185 5.86 20.45 1.44
C PRO A 185 4.86 19.57 0.66
N TYR A 186 4.89 18.25 0.90
CA TYR A 186 3.99 17.38 0.15
C TYR A 186 2.91 16.58 0.87
N VAL A 187 1.76 16.52 0.19
CA VAL A 187 0.52 15.85 0.63
C VAL A 187 0.58 14.33 0.84
N VAL A 188 -0.57 13.80 1.27
CA VAL A 188 -0.75 12.38 1.53
C VAL A 188 -1.97 11.96 0.74
N THR A 189 -1.97 10.73 0.23
CA THR A 189 -3.10 10.23 -0.55
C THR A 189 -4.18 9.64 0.36
N ARG A 190 -5.44 10.00 0.13
CA ARG A 190 -6.53 9.48 0.96
C ARG A 190 -7.58 8.81 0.09
N TYR A 191 -7.41 8.91 -1.21
CA TYR A 191 -8.37 8.33 -2.14
C TYR A 191 -8.73 6.87 -1.92
N TYR A 192 -7.78 6.06 -1.46
CA TYR A 192 -8.08 4.63 -1.28
C TYR A 192 -8.41 4.21 0.15
N ARG A 193 -8.73 5.17 1.01
CA ARG A 193 -9.07 4.82 2.38
C ARG A 193 -10.53 4.38 2.49
N ALA A 194 -10.79 3.46 3.41
CA ALA A 194 -12.13 2.91 3.64
C ALA A 194 -12.98 3.92 4.39
N PRO A 195 -14.30 3.86 4.23
CA PRO A 195 -15.21 4.77 4.90
C PRO A 195 -14.99 4.77 6.42
N GLU A 196 -14.79 3.58 6.99
CA GLU A 196 -14.58 3.51 8.43
C GLU A 196 -13.31 4.25 8.81
N VAL A 197 -12.48 4.52 7.82
CA VAL A 197 -11.25 5.23 8.08
C VAL A 197 -11.50 6.72 7.81
N ILE A 198 -12.21 6.99 6.73
CA ILE A 198 -12.53 8.35 6.36
C ILE A 198 -13.37 8.99 7.44
N LEU A 199 -14.27 8.21 8.03
CA LEU A 199 -15.16 8.69 9.08
C LEU A 199 -14.76 8.22 10.49
N GLY A 200 -13.73 7.40 10.61
CA GLY A 200 -13.33 6.93 11.93
C GLY A 200 -14.46 6.10 12.53
N MET A 201 -14.32 4.78 12.49
CA MET A 201 -15.37 3.92 13.00
C MET A 201 -14.89 2.65 13.64
N GLY A 202 -13.59 2.40 13.58
CA GLY A 202 -13.11 1.15 14.12
C GLY A 202 -13.20 0.24 12.92
N TYR A 203 -12.14 -0.52 12.69
CA TYR A 203 -12.06 -1.38 11.53
C TYR A 203 -11.83 -2.85 11.84
N LYS A 204 -11.53 -3.61 10.80
CA LYS A 204 -11.25 -5.03 10.93
C LYS A 204 -10.61 -5.48 9.63
N GLU A 205 -10.27 -6.75 9.54
CA GLU A 205 -9.61 -7.29 8.35
C GLU A 205 -10.06 -6.67 7.02
N ASN A 206 -11.35 -6.79 6.70
CA ASN A 206 -11.85 -6.29 5.42
C ASN A 206 -11.80 -4.79 5.15
N VAL A 207 -11.07 -4.05 5.97
CA VAL A 207 -10.94 -2.60 5.75
C VAL A 207 -9.99 -2.36 4.57
N ASP A 208 -9.14 -3.35 4.30
CA ASP A 208 -8.18 -3.28 3.19
C ASP A 208 -8.86 -3.65 1.88
N ILE A 209 -9.92 -4.45 1.96
CA ILE A 209 -10.64 -4.85 0.78
C ILE A 209 -11.13 -3.59 0.09
N TRP A 210 -11.50 -2.59 0.87
CA TRP A 210 -11.94 -1.36 0.24
C TRP A 210 -10.84 -0.76 -0.63
N SER A 211 -9.61 -0.81 -0.16
CA SER A 211 -8.51 -0.24 -0.93
C SER A 211 -8.30 -1.02 -2.22
N VAL A 212 -8.38 -2.34 -2.14
CA VAL A 212 -8.21 -3.21 -3.30
C VAL A 212 -9.29 -2.94 -4.34
N GLY A 213 -10.49 -2.64 -3.85
CA GLY A 213 -11.60 -2.37 -4.74
C GLY A 213 -11.40 -1.02 -5.40
N CYS A 214 -10.74 -0.09 -4.72
CA CYS A 214 -10.52 1.23 -5.30
C CYS A 214 -9.49 1.14 -6.39
N ILE A 215 -8.59 0.18 -6.27
CA ILE A 215 -7.55 0.00 -7.24
C ILE A 215 -8.12 -0.75 -8.43
N MET A 216 -8.79 -1.86 -8.17
CA MET A 216 -9.35 -2.64 -9.26
C MET A 216 -10.28 -1.80 -10.11
N GLY A 217 -10.97 -0.87 -9.48
CA GLY A 217 -11.86 0.01 -10.20
C GLY A 217 -11.07 0.98 -11.04
N GLU A 218 -9.92 1.41 -10.55
CA GLU A 218 -9.09 2.32 -11.30
C GLU A 218 -8.36 1.56 -12.42
N MET A 219 -8.04 0.29 -12.20
CA MET A 219 -7.38 -0.51 -13.25
C MET A 219 -8.30 -0.65 -14.47
N VAL A 220 -9.59 -0.47 -14.24
CA VAL A 220 -10.62 -0.59 -15.27
C VAL A 220 -11.03 0.77 -15.85
N ARG A 221 -11.49 1.66 -14.98
CA ARG A 221 -11.94 2.99 -15.39
C ARG A 221 -10.78 3.89 -15.80
N HIS A 222 -9.60 3.57 -15.29
CA HIS A 222 -8.38 4.33 -15.61
C HIS A 222 -8.38 5.74 -15.06
N LYS A 223 -9.19 5.96 -14.04
CA LYS A 223 -9.25 7.26 -13.43
C LYS A 223 -9.59 7.07 -11.96
N ILE A 224 -8.94 7.85 -11.09
CA ILE A 224 -9.17 7.75 -9.66
C ILE A 224 -10.66 7.81 -9.33
N LEU A 225 -11.18 6.70 -8.79
CA LEU A 225 -12.57 6.56 -8.41
C LEU A 225 -13.13 7.70 -7.56
N PHE A 226 -12.65 7.79 -6.32
CA PHE A 226 -13.13 8.82 -5.40
C PHE A 226 -12.12 9.91 -5.03
N PRO A 227 -11.82 10.81 -5.98
CA PRO A 227 -10.86 11.90 -5.72
C PRO A 227 -11.44 13.01 -4.85
N GLY A 228 -10.60 13.80 -4.20
CA GLY A 228 -11.15 14.84 -3.35
C GLY A 228 -10.10 15.62 -2.59
N ARG A 229 -10.34 16.93 -2.49
CA ARG A 229 -9.44 17.85 -1.80
C ARG A 229 -9.32 17.47 -0.33
N ASP A 230 -10.46 17.14 0.26
CA ASP A 230 -10.50 16.79 1.67
C ASP A 230 -11.40 15.58 1.84
N TYR A 231 -11.53 15.07 3.06
CA TYR A 231 -12.40 13.92 3.29
C TYR A 231 -13.84 14.33 3.01
N ILE A 232 -14.09 15.64 2.98
CA ILE A 232 -15.42 16.16 2.70
C ILE A 232 -15.79 15.77 1.26
N ASP A 233 -14.93 16.15 0.32
CA ASP A 233 -15.14 15.84 -1.08
C ASP A 233 -15.09 14.34 -1.33
N GLN A 234 -14.10 13.68 -0.74
CA GLN A 234 -13.92 12.23 -0.91
C GLN A 234 -15.18 11.48 -0.53
N TRP A 235 -15.74 11.80 0.63
CA TRP A 235 -16.94 11.11 0.99
C TRP A 235 -18.05 11.46 0.00
N ASN A 236 -18.04 12.68 -0.54
CA ASN A 236 -19.08 13.06 -1.49
C ASN A 236 -19.02 12.10 -2.66
N LYS A 237 -17.85 11.98 -3.27
CA LYS A 237 -17.65 11.08 -4.39
C LYS A 237 -18.13 9.66 -4.06
N VAL A 238 -17.96 9.23 -2.81
CA VAL A 238 -18.37 7.88 -2.43
C VAL A 238 -19.87 7.68 -2.62
N ILE A 239 -20.64 8.66 -2.17
CA ILE A 239 -22.11 8.62 -2.28
C ILE A 239 -22.61 8.99 -3.68
N GLU A 240 -22.06 10.04 -4.27
CA GLU A 240 -22.47 10.43 -5.63
C GLU A 240 -22.48 9.24 -6.58
N GLN A 241 -21.71 8.20 -6.25
CA GLN A 241 -21.61 7.03 -7.10
C GLN A 241 -22.29 5.80 -6.54
N LEU A 242 -21.91 5.43 -5.32
CA LEU A 242 -22.46 4.27 -4.65
C LEU A 242 -23.82 4.59 -4.03
N GLY A 243 -24.01 5.85 -3.65
CA GLY A 243 -25.24 6.29 -3.04
C GLY A 243 -25.11 6.39 -1.53
N THR A 244 -26.09 7.01 -0.89
CA THR A 244 -26.11 7.16 0.56
C THR A 244 -26.32 5.80 1.20
N PRO A 245 -25.43 5.41 2.13
CA PRO A 245 -25.44 4.14 2.87
C PRO A 245 -26.72 3.93 3.66
N CYS A 246 -27.14 2.68 3.74
CA CYS A 246 -28.34 2.29 4.45
C CYS A 246 -28.33 2.76 5.90
N PRO A 247 -29.51 3.04 6.47
CA PRO A 247 -29.71 3.51 7.85
C PRO A 247 -29.14 2.58 8.94
N GLU A 248 -28.87 1.32 8.58
CA GLU A 248 -28.31 0.34 9.51
C GLU A 248 -26.84 0.67 9.78
N PHE A 249 -26.22 1.33 8.81
CA PHE A 249 -24.81 1.73 8.87
C PHE A 249 -24.59 2.99 9.71
N MET A 250 -25.47 3.99 9.54
CA MET A 250 -25.38 5.25 10.26
C MET A 250 -25.45 5.10 11.78
N LYS A 251 -26.14 4.08 12.25
CA LYS A 251 -26.26 3.87 13.70
C LYS A 251 -24.98 3.29 14.28
N LYS A 252 -23.88 3.41 13.54
CA LYS A 252 -22.59 2.91 13.97
C LYS A 252 -21.60 4.06 13.90
N LEU A 253 -22.09 5.18 13.39
CA LEU A 253 -21.28 6.39 13.24
C LEU A 253 -21.32 7.19 14.53
N GLN A 254 -20.21 7.87 14.83
CA GLN A 254 -20.11 8.70 16.01
C GLN A 254 -21.29 9.67 15.91
N PRO A 255 -21.99 9.90 17.03
CA PRO A 255 -23.13 10.81 17.00
C PRO A 255 -22.84 12.14 16.31
N THR A 256 -21.63 12.66 16.48
CA THR A 256 -21.26 13.93 15.85
C THR A 256 -21.03 13.74 14.36
N VAL A 257 -20.54 12.56 13.99
CA VAL A 257 -20.28 12.27 12.58
C VAL A 257 -21.58 11.87 11.91
N ARG A 258 -22.36 11.06 12.63
CA ARG A 258 -23.66 10.59 12.16
C ARG A 258 -24.50 11.79 11.77
N ASN A 259 -24.51 12.80 12.64
CA ASN A 259 -25.26 14.02 12.43
C ASN A 259 -24.79 14.75 11.17
N TYR A 260 -23.54 14.51 10.79
CA TYR A 260 -22.97 15.16 9.61
C TYR A 260 -23.33 14.42 8.31
N VAL A 261 -23.11 13.10 8.29
CA VAL A 261 -23.41 12.26 7.12
C VAL A 261 -24.90 12.11 6.86
N GLU A 262 -25.69 11.90 7.90
CA GLU A 262 -27.14 11.75 7.72
C GLU A 262 -27.74 13.02 7.12
N ASN A 263 -27.39 14.16 7.70
CA ASN A 263 -27.91 15.45 7.22
C ASN A 263 -27.24 15.89 5.91
N ARG A 264 -26.69 14.93 5.18
CA ARG A 264 -26.04 15.24 3.89
C ARG A 264 -27.02 14.85 2.78
N PRO A 265 -27.09 15.67 1.71
CA PRO A 265 -28.00 15.40 0.59
C PRO A 265 -27.87 13.94 0.13
N LYS A 266 -29.00 13.24 0.12
CA LYS A 266 -29.02 11.84 -0.25
C LYS A 266 -28.70 11.49 -1.71
N TYR A 267 -28.65 10.18 -1.97
CA TYR A 267 -28.37 9.67 -3.29
C TYR A 267 -28.93 8.26 -3.42
N ALA A 268 -29.48 7.95 -4.59
CA ALA A 268 -30.04 6.63 -4.83
C ALA A 268 -28.90 5.66 -5.09
N GLY A 269 -27.86 6.16 -5.74
CA GLY A 269 -26.70 5.33 -6.04
C GLY A 269 -26.79 4.57 -7.36
N LEU A 270 -25.78 4.76 -8.21
CA LEU A 270 -25.71 4.11 -9.52
C LEU A 270 -25.40 2.62 -9.36
N THR A 271 -25.94 1.80 -10.24
CA THR A 271 -25.69 0.37 -10.17
C THR A 271 -24.30 0.14 -10.71
N PHE A 272 -23.77 -1.06 -10.46
CA PHE A 272 -22.43 -1.38 -10.93
C PHE A 272 -22.26 -1.48 -12.43
N PRO A 273 -23.22 -2.10 -13.15
CA PRO A 273 -23.04 -2.18 -14.60
C PRO A 273 -23.03 -0.77 -15.20
N LYS A 274 -23.42 0.21 -14.39
CA LYS A 274 -23.42 1.61 -14.81
C LYS A 274 -22.02 2.18 -14.55
N LEU A 275 -21.55 2.06 -13.31
CA LEU A 275 -20.23 2.55 -12.89
C LEU A 275 -19.10 1.99 -13.74
N PHE A 276 -19.15 0.67 -13.93
CA PHE A 276 -18.15 -0.06 -14.70
C PHE A 276 -18.84 -0.75 -15.89
N PRO A 277 -19.24 0.03 -16.90
CA PRO A 277 -19.89 -0.53 -18.08
C PRO A 277 -19.00 -1.52 -18.83
N ASP A 278 -19.52 -2.14 -19.89
CA ASP A 278 -18.76 -3.13 -20.65
C ASP A 278 -17.71 -2.49 -21.56
N SER A 279 -17.88 -1.19 -21.80
CA SER A 279 -16.96 -0.44 -22.65
C SER A 279 -15.55 -0.47 -22.06
N LEU A 280 -15.46 -0.61 -20.75
CA LEU A 280 -14.18 -0.64 -20.07
C LEU A 280 -13.59 -2.03 -20.01
N PHE A 281 -14.43 -3.04 -20.22
CA PHE A 281 -14.00 -4.43 -20.18
C PHE A 281 -13.90 -5.04 -21.57
N PRO A 282 -12.76 -5.67 -21.86
CA PRO A 282 -12.55 -6.31 -23.15
C PRO A 282 -13.35 -7.61 -23.21
N ALA A 283 -14.53 -7.53 -23.81
CA ALA A 283 -15.41 -8.69 -23.94
C ALA A 283 -15.74 -9.02 -25.41
N ASP A 284 -14.70 -9.14 -26.23
CA ASP A 284 -14.90 -9.50 -27.63
C ASP A 284 -14.97 -11.01 -27.71
N SER A 285 -14.40 -11.67 -26.71
CA SER A 285 -14.41 -13.13 -26.65
C SER A 285 -15.52 -13.67 -25.76
N GLU A 286 -15.93 -14.91 -25.97
CA GLU A 286 -16.98 -15.50 -25.15
C GLU A 286 -16.38 -15.72 -23.76
N HIS A 287 -15.06 -15.85 -23.75
CA HIS A 287 -14.34 -16.04 -22.51
C HIS A 287 -14.13 -14.69 -21.86
N ASN A 288 -14.04 -13.64 -22.66
CA ASN A 288 -13.85 -12.32 -22.08
C ASN A 288 -15.14 -11.74 -21.55
N LYS A 289 -16.24 -12.04 -22.21
CA LYS A 289 -17.54 -11.55 -21.80
C LYS A 289 -17.81 -12.09 -20.40
N LEU A 290 -17.43 -13.34 -20.15
CA LEU A 290 -17.62 -13.97 -18.85
C LEU A 290 -16.74 -13.34 -17.79
N LYS A 291 -15.43 -13.35 -18.00
CA LYS A 291 -14.52 -12.75 -17.04
C LYS A 291 -14.91 -11.33 -16.72
N ALA A 292 -15.41 -10.59 -17.69
CA ALA A 292 -15.80 -9.20 -17.45
C ALA A 292 -16.95 -9.11 -16.45
N SER A 293 -17.88 -10.06 -16.50
CA SER A 293 -19.01 -10.07 -15.59
C SER A 293 -18.52 -10.45 -14.19
N GLN A 294 -17.58 -11.40 -14.15
CA GLN A 294 -17.00 -11.85 -12.89
C GLN A 294 -16.24 -10.71 -12.22
N ALA A 295 -15.47 -9.98 -13.01
CA ALA A 295 -14.70 -8.86 -12.49
C ALA A 295 -15.64 -7.80 -11.97
N ARG A 296 -16.73 -7.59 -12.70
CA ARG A 296 -17.69 -6.58 -12.29
C ARG A 296 -18.38 -7.08 -11.03
N ASP A 297 -18.42 -8.39 -10.85
CA ASP A 297 -19.06 -8.91 -9.66
C ASP A 297 -18.21 -8.72 -8.38
N LEU A 298 -16.91 -9.02 -8.47
CA LEU A 298 -16.01 -8.87 -7.34
C LEU A 298 -15.94 -7.39 -6.94
N LEU A 299 -16.08 -6.51 -7.93
CA LEU A 299 -16.08 -5.09 -7.67
C LEU A 299 -17.29 -4.68 -6.83
N SER A 300 -18.47 -5.20 -7.19
CA SER A 300 -19.71 -4.86 -6.50
C SER A 300 -19.78 -5.34 -5.06
N LYS A 301 -18.79 -6.16 -4.69
CA LYS A 301 -18.70 -6.71 -3.36
C LYS A 301 -17.59 -6.04 -2.56
N MET A 302 -16.50 -5.64 -3.24
CA MET A 302 -15.40 -4.97 -2.55
C MET A 302 -15.75 -3.51 -2.28
N LEU A 303 -16.34 -2.84 -3.26
CA LEU A 303 -16.72 -1.44 -3.13
C LEU A 303 -18.06 -1.26 -2.47
N VAL A 304 -18.12 -1.74 -1.22
CA VAL A 304 -19.30 -1.68 -0.39
C VAL A 304 -18.97 -0.86 0.87
N ILE A 305 -19.67 0.25 1.06
CA ILE A 305 -19.45 1.15 2.18
C ILE A 305 -19.54 0.49 3.56
N ASP A 306 -20.58 -0.30 3.77
CA ASP A 306 -20.79 -0.99 5.04
C ASP A 306 -19.89 -2.18 5.20
N PRO A 307 -18.90 -2.09 6.11
CA PRO A 307 -17.91 -3.12 6.44
C PRO A 307 -18.57 -4.46 6.72
N ALA A 308 -19.73 -4.41 7.37
CA ALA A 308 -20.47 -5.62 7.70
C ALA A 308 -21.06 -6.28 6.46
N LYS A 309 -21.15 -5.50 5.39
CA LYS A 309 -21.70 -5.99 4.12
C LYS A 309 -20.60 -6.08 3.06
N ARG A 310 -19.36 -5.90 3.47
CA ARG A 310 -18.25 -5.96 2.52
C ARG A 310 -17.63 -7.37 2.52
N ILE A 311 -17.20 -7.83 1.34
CA ILE A 311 -16.60 -9.15 1.20
C ILE A 311 -15.23 -9.29 1.88
N SER A 312 -15.03 -10.37 2.63
CA SER A 312 -13.76 -10.57 3.34
C SER A 312 -12.63 -10.95 2.40
N VAL A 313 -11.40 -10.90 2.90
CA VAL A 313 -10.22 -11.25 2.12
C VAL A 313 -10.29 -12.69 1.63
N ASP A 314 -10.76 -13.58 2.50
CA ASP A 314 -10.87 -15.00 2.20
C ASP A 314 -11.91 -15.30 1.12
N ASP A 315 -13.00 -14.56 1.11
CA ASP A 315 -14.02 -14.80 0.10
C ASP A 315 -13.54 -14.29 -1.26
N ALA A 316 -12.91 -13.12 -1.27
CA ALA A 316 -12.37 -12.52 -2.49
C ALA A 316 -11.34 -13.44 -3.11
N LEU A 317 -10.78 -14.33 -2.28
CA LEU A 317 -9.79 -15.26 -2.79
C LEU A 317 -10.47 -16.53 -3.29
N GLN A 318 -11.75 -16.71 -2.97
CA GLN A 318 -12.53 -17.87 -3.42
C GLN A 318 -13.46 -17.43 -4.56
N HIS A 319 -13.31 -16.18 -4.96
CA HIS A 319 -14.11 -15.61 -6.03
C HIS A 319 -13.62 -16.23 -7.33
N PRO A 320 -14.54 -16.58 -8.25
CA PRO A 320 -14.22 -17.18 -9.53
C PRO A 320 -13.26 -16.33 -10.37
N TYR A 321 -13.19 -15.03 -10.08
CA TYR A 321 -12.28 -14.16 -10.85
C TYR A 321 -10.85 -14.23 -10.35
N ILE A 322 -10.69 -14.65 -9.10
CA ILE A 322 -9.39 -14.76 -8.44
C ILE A 322 -8.89 -16.20 -8.27
N ASN A 323 -9.73 -17.08 -7.72
CA ASN A 323 -9.38 -18.48 -7.46
C ASN A 323 -8.65 -19.20 -8.60
N VAL A 324 -8.72 -18.69 -9.82
CA VAL A 324 -8.05 -19.34 -10.93
C VAL A 324 -6.53 -19.20 -10.83
N TRP A 325 -6.04 -18.76 -9.68
CA TRP A 325 -4.60 -18.62 -9.47
C TRP A 325 -4.24 -19.24 -8.12
N TYR A 326 -5.20 -19.88 -7.49
CA TYR A 326 -4.97 -20.48 -6.18
C TYR A 326 -3.83 -21.49 -6.16
N ASP A 327 -3.26 -21.67 -4.96
CA ASP A 327 -2.16 -22.60 -4.75
C ASP A 327 -1.76 -22.59 -3.27
N PRO A 328 -2.17 -23.64 -2.52
CA PRO A 328 -1.92 -23.86 -1.08
C PRO A 328 -0.50 -23.61 -0.62
N ALA A 329 0.44 -23.50 -1.56
CA ALA A 329 1.83 -23.26 -1.22
C ALA A 329 2.12 -21.77 -1.06
N GLU A 330 1.34 -20.94 -1.77
CA GLU A 330 1.51 -19.48 -1.74
C GLU A 330 0.73 -18.78 -0.62
N VAL A 331 -0.59 -18.74 -0.76
CA VAL A 331 -1.50 -18.11 0.21
C VAL A 331 -1.31 -18.66 1.63
N GLU A 332 -1.19 -19.98 1.74
CA GLU A 332 -1.01 -20.65 3.02
C GLU A 332 0.45 -20.72 3.47
N ALA A 333 0.94 -19.63 4.06
CA ALA A 333 2.31 -19.52 4.57
C ALA A 333 2.23 -19.18 6.07
N PRO A 334 3.16 -19.72 6.86
CA PRO A 334 3.23 -19.51 8.32
C PRO A 334 3.60 -18.08 8.76
N PRO A 335 2.72 -17.43 9.56
CA PRO A 335 2.92 -16.07 10.08
C PRO A 335 3.81 -16.08 11.33
N PRO A 336 4.56 -14.99 11.55
CA PRO A 336 5.45 -14.88 12.71
C PRO A 336 4.70 -14.81 14.04
N GLN A 342 7.79 -7.39 20.13
CA GLN A 342 7.21 -6.54 21.17
C GLN A 342 5.95 -5.89 20.62
N LEU A 343 5.57 -4.76 21.22
CA LEU A 343 4.38 -4.03 20.78
C LEU A 343 4.78 -2.63 20.33
N ASP A 344 5.36 -2.53 19.13
CA ASP A 344 5.81 -1.26 18.58
C ASP A 344 4.69 -0.25 18.24
N GLU A 345 4.12 0.34 19.29
CA GLU A 345 3.05 1.34 19.19
C GLU A 345 3.27 2.18 20.45
N ARG A 346 4.38 2.92 20.50
CA ARG A 346 4.70 3.71 21.68
C ARG A 346 4.79 5.22 21.51
N GLU A 347 5.51 5.86 22.44
CA GLU A 347 5.68 7.31 22.45
C GLU A 347 6.98 7.75 23.15
N HIS A 348 7.96 8.20 22.37
CA HIS A 348 9.26 8.64 22.89
C HIS A 348 9.64 10.02 22.37
N THR A 349 10.89 10.41 22.62
CA THR A 349 11.42 11.71 22.16
C THR A 349 12.44 11.49 21.06
N ILE A 350 12.70 12.52 20.26
CA ILE A 350 13.64 12.37 19.14
C ILE A 350 15.01 11.89 19.53
N GLU A 351 15.33 11.91 20.81
CA GLU A 351 16.64 11.43 21.18
C GLU A 351 16.54 9.99 21.61
N GLU A 352 15.33 9.56 21.93
CA GLU A 352 15.12 8.18 22.31
C GLU A 352 14.94 7.40 21.03
N TRP A 353 14.13 7.94 20.14
CA TRP A 353 13.86 7.32 18.86
C TRP A 353 15.16 7.06 18.13
N LYS A 354 16.11 7.97 18.30
CA LYS A 354 17.41 7.84 17.64
C LYS A 354 18.02 6.55 18.16
N GLU A 355 18.09 6.43 19.48
CA GLU A 355 18.66 5.25 20.14
C GLU A 355 17.94 3.98 19.69
N LEU A 356 16.62 3.99 19.74
CA LEU A 356 15.83 2.84 19.33
C LEU A 356 16.09 2.42 17.90
N ILE A 357 15.99 3.37 16.99
CA ILE A 357 16.19 3.08 15.58
C ILE A 357 17.63 2.67 15.32
N TYR A 358 18.58 3.39 15.91
CA TYR A 358 20.00 3.08 15.71
C TYR A 358 20.34 1.65 16.08
N LYS A 359 19.97 1.26 17.30
CA LYS A 359 20.24 -0.10 17.77
C LYS A 359 19.49 -1.14 16.98
N GLU A 360 18.40 -0.71 16.34
CA GLU A 360 17.63 -1.64 15.54
C GLU A 360 18.34 -1.84 14.20
N VAL A 361 18.94 -0.76 13.69
CA VAL A 361 19.67 -0.84 12.44
C VAL A 361 20.72 -1.92 12.66
N MET A 362 21.68 -1.65 13.54
CA MET A 362 22.75 -2.60 13.84
C MET A 362 22.29 -3.52 14.96
N ASN A 363 21.84 -4.72 14.61
CA ASN A 363 21.37 -5.67 15.60
C ASN A 363 22.27 -5.67 16.83
C01 JNF B . 8.99 5.49 -1.86
N02 JNF B . 9.36 4.83 -3.12
C03 JNF B . 9.81 3.44 -2.91
N04 JNF B . 10.13 2.61 -4.00
C05 JNF B . 10.58 1.32 -3.73
C06 JNF B . 10.88 0.45 -4.90
N07 JNF B . 10.76 0.78 -6.23
C08 JNF B . 11.16 -0.36 -6.98
C09 JNF B . 11.11 -0.27 -8.42
C10 JNF B . 10.70 0.90 -9.01
C11 JNF B . 10.29 2.07 -8.21
C12 JNF B . 10.32 1.98 -6.86
N13 JNF B . 11.51 -1.36 -6.21
C14 JNF B . 11.35 -0.87 -4.92
C15 JNF B . 10.75 0.82 -2.44
C16 JNF B . 10.43 1.71 -1.42
N17 JNF B . 9.96 3.00 -1.61
C18 JNF B . 8.36 5.06 -4.21
C19 JNF B . 7.11 4.14 -4.22
C20 JNF B . 6.16 4.49 -5.38
C21 JNF B . 6.85 4.35 -6.76
C22 JNF B . 8.13 5.19 -6.84
C23 JNF B . 9.07 4.97 -5.61
#